data_4ABG
#
_entry.id   4ABG
#
_cell.length_a   54.303
_cell.length_b   54.303
_cell.length_c   106.387
_cell.angle_alpha   90.00
_cell.angle_beta   90.00
_cell.angle_gamma   120.00
#
_symmetry.space_group_name_H-M   'P 31 2 1'
#
loop_
_entity.id
_entity.type
_entity.pdbx_description
1 polymer 'CATIONIC TRYPSIN'
2 non-polymer 'CALCIUM ION'
3 non-polymer 'CHLORIDE ION'
4 non-polymer 'SULFATE ION'
5 non-polymer 1,2-ETHANEDIOL
6 non-polymer 1-[3-(4-METHYLPIPERAZIN-1-YL)PHENYL]METHANAMINE
7 water water
#
_entity_poly.entity_id   1
_entity_poly.type   'polypeptide(L)'
_entity_poly.pdbx_seq_one_letter_code
;IVGGYTCGANTVPYQVSLNSGYHFCGGSLINSQWVVSAAHCYKSGIQVRLGEDNINVVEGNEQFISASKSIVHPSYNSNT
LNNDIMLIKLKSAASLNSRVASISLPTSCASAGTQCLISGWGNTKSSGTSYPDVLKCLKAPILSDSSCKSAYPGQITSNM
FCAGYLEGGKDSCQGDSGGPVVCSGKLQGIVSWGSGCAQKNKPGVYTKVCNYVSWIKQTIASN
;
_entity_poly.pdbx_strand_id   A
#
loop_
_chem_comp.id
_chem_comp.type
_chem_comp.name
_chem_comp.formula
91B non-polymer 1-[3-(4-METHYLPIPERAZIN-1-YL)PHENYL]METHANAMINE 'C12 H19 N3'
CA non-polymer 'CALCIUM ION' 'Ca 2'
CL non-polymer 'CHLORIDE ION' 'Cl -1'
EDO non-polymer 1,2-ETHANEDIOL 'C2 H6 O2'
SO4 non-polymer 'SULFATE ION' 'O4 S -2'
#
# COMPACT_ATOMS: atom_id res chain seq x y z
N ILE A 1 4.30 -9.59 4.56
CA ILE A 1 5.70 -9.12 4.65
C ILE A 1 6.58 -10.28 5.03
N VAL A 2 7.62 -10.46 4.24
CA VAL A 2 8.58 -11.53 4.52
C VAL A 2 9.84 -10.91 5.05
N GLY A 3 10.37 -11.48 6.15
CA GLY A 3 11.60 -10.95 6.70
C GLY A 3 11.51 -9.68 7.45
N GLY A 4 10.30 -9.24 7.82
CA GLY A 4 10.13 -8.01 8.57
C GLY A 4 9.96 -8.25 10.07
N TYR A 5 9.26 -7.36 10.68
CA TYR A 5 9.16 -7.41 12.16
C TYR A 5 7.73 -6.97 12.53
N THR A 6 7.29 -7.31 13.73
CA THR A 6 6.06 -6.82 14.25
C THR A 6 6.11 -5.36 14.52
N CYS A 7 5.29 -4.59 13.82
CA CYS A 7 5.33 -3.15 13.94
C CYS A 7 5.16 -2.65 15.36
N GLY A 8 4.18 -3.22 16.04
CA GLY A 8 3.69 -2.61 17.30
C GLY A 8 2.35 -2.02 17.06
N ALA A 9 1.44 -2.22 17.99
CA ALA A 9 0.09 -1.80 17.77
C ALA A 9 -0.09 -0.30 17.45
N ASN A 10 -0.74 0.01 16.31
CA ASN A 10 -1.04 1.37 15.95
C ASN A 10 0.16 2.24 15.69
N THR A 11 1.31 1.62 15.43
CA THR A 11 2.56 2.35 15.16
C THR A 11 2.60 2.86 13.72
N VAL A 12 1.68 2.37 12.90
CA VAL A 12 1.63 2.80 11.48
C VAL A 12 0.13 3.24 11.28
N PRO A 13 -0.27 4.45 11.76
CA PRO A 13 -1.65 4.73 12.00
C PRO A 13 -2.47 5.11 10.74
N TYR A 14 -1.73 5.25 9.64
CA TYR A 14 -2.37 5.43 8.28
C TYR A 14 -2.61 4.10 7.59
N GLN A 15 -2.18 2.99 8.17
CA GLN A 15 -2.39 1.67 7.47
C GLN A 15 -3.83 1.28 7.70
N VAL A 16 -4.52 0.96 6.62
N VAL A 16 -4.51 0.98 6.59
CA VAL A 16 -5.86 0.35 6.73
CA VAL A 16 -5.87 0.40 6.60
C VAL A 16 -5.89 -1.07 6.17
C VAL A 16 -5.89 -1.07 6.14
N SER A 17 -6.86 -1.86 6.62
CA SER A 17 -7.18 -3.15 6.04
C SER A 17 -8.45 -2.95 5.26
N LEU A 18 -8.45 -3.47 4.04
CA LEU A 18 -9.69 -3.54 3.28
C LEU A 18 -10.34 -4.91 3.48
N ASN A 19 -11.62 -4.87 3.89
CA ASN A 19 -12.27 -6.16 4.32
C ASN A 19 -13.53 -6.39 3.52
N SER A 20 -13.71 -7.59 2.86
CA SER A 20 -15.02 -7.90 2.19
C SER A 20 -15.51 -9.20 2.78
N GLY A 21 -15.54 -9.26 4.11
CA GLY A 21 -15.82 -10.49 4.89
C GLY A 21 -14.54 -11.14 5.41
N TYR A 22 -13.38 -10.60 5.00
CA TYR A 22 -12.07 -11.06 5.37
C TYR A 22 -11.12 -9.94 4.89
N HIS A 23 -9.94 -9.88 5.46
CA HIS A 23 -8.90 -8.92 4.92
C HIS A 23 -8.38 -9.42 3.58
N PHE A 24 -8.35 -8.51 2.60
CA PHE A 24 -7.86 -8.88 1.31
C PHE A 24 -6.80 -7.97 0.74
N CYS A 25 -6.64 -6.79 1.28
CA CYS A 25 -5.62 -5.85 0.71
C CYS A 25 -5.41 -4.81 1.77
N GLY A 26 -4.30 -4.08 1.71
CA GLY A 26 -4.03 -2.89 2.55
C GLY A 26 -4.53 -1.64 1.79
N GLY A 27 -4.34 -0.52 2.47
CA GLY A 27 -4.56 0.80 1.86
C GLY A 27 -3.94 1.79 2.85
N SER A 28 -3.96 3.05 2.42
CA SER A 28 -3.42 4.17 3.21
C SER A 28 -4.43 5.30 3.29
N LEU A 29 -4.66 5.77 4.55
CA LEU A 29 -5.60 6.90 4.76
C LEU A 29 -4.88 8.20 4.39
N ILE A 30 -5.49 8.93 3.44
CA ILE A 30 -4.79 10.19 3.04
C ILE A 30 -5.60 11.43 3.53
N ASN A 31 -6.85 11.30 3.91
CA ASN A 31 -7.47 12.33 4.78
C ASN A 31 -8.64 11.67 5.42
N SER A 32 -9.43 12.41 6.26
CA SER A 32 -10.52 11.73 6.92
C SER A 32 -11.58 10.93 6.15
N GLN A 33 -11.71 11.22 4.83
CA GLN A 33 -12.70 10.64 4.05
C GLN A 33 -12.15 9.75 2.83
N TRP A 34 -10.82 9.67 2.74
CA TRP A 34 -10.27 8.94 1.52
C TRP A 34 -9.11 8.07 1.86
N VAL A 35 -9.14 6.95 1.15
CA VAL A 35 -8.03 5.94 1.24
C VAL A 35 -7.47 5.73 -0.17
N VAL A 36 -6.17 5.59 -0.27
N VAL A 36 -6.15 5.62 -0.26
CA VAL A 36 -5.69 5.16 -1.59
CA VAL A 36 -5.48 5.16 -1.50
C VAL A 36 -5.14 3.73 -1.46
C VAL A 36 -5.22 3.64 -1.39
N SER A 37 -5.43 2.90 -2.48
CA SER A 37 -4.97 1.50 -2.52
C SER A 37 -4.56 1.14 -3.95
N ALA A 38 -4.42 -0.13 -4.26
CA ALA A 38 -4.12 -0.65 -5.57
C ALA A 38 -5.36 -0.92 -6.41
N ALA A 39 -5.37 -0.50 -7.69
CA ALA A 39 -6.50 -0.78 -8.52
C ALA A 39 -6.77 -2.35 -8.64
N HIS A 40 -5.70 -3.19 -8.55
CA HIS A 40 -5.92 -4.61 -8.65
C HIS A 40 -6.66 -5.13 -7.40
N CYS A 41 -6.77 -4.32 -6.40
CA CYS A 41 -7.56 -4.67 -5.19
C CYS A 41 -9.00 -4.35 -5.37
N TYR A 42 -9.46 -3.73 -6.47
CA TYR A 42 -10.86 -3.33 -6.57
C TYR A 42 -11.78 -4.55 -6.33
N LYS A 43 -12.84 -4.24 -5.57
CA LYS A 43 -14.05 -5.08 -5.62
C LYS A 43 -15.18 -4.23 -5.10
N SER A 44 -16.43 -4.71 -5.32
CA SER A 44 -17.52 -3.95 -4.68
C SER A 44 -17.71 -4.37 -3.18
N GLY A 45 -18.35 -3.53 -2.37
CA GLY A 45 -18.70 -4.00 -1.02
C GLY A 45 -17.51 -4.05 -0.01
N ILE A 46 -16.63 -3.14 -0.23
CA ILE A 46 -15.51 -2.94 0.65
C ILE A 46 -15.85 -2.19 1.94
N GLN A 47 -15.34 -2.73 3.05
CA GLN A 47 -15.36 -2.02 4.34
C GLN A 47 -13.95 -1.67 4.67
N VAL A 48 -13.62 -0.42 4.97
CA VAL A 48 -12.33 0.01 5.41
C VAL A 48 -12.21 -0.12 6.88
N ARG A 49 -11.14 -0.76 7.31
CA ARG A 49 -10.86 -0.97 8.77
C ARG A 49 -9.66 -0.20 9.16
N LEU A 50 -9.88 0.80 10.01
N LEU A 50 -9.88 0.82 9.98
CA LEU A 50 -8.87 1.73 10.44
CA LEU A 50 -8.84 1.68 10.45
C LEU A 50 -8.40 1.37 11.85
C LEU A 50 -8.61 1.32 11.93
N GLY A 51 -7.26 1.87 12.33
CA GLY A 51 -6.92 1.61 13.81
C GLY A 51 -6.66 0.14 14.10
N GLU A 52 -6.39 -0.68 13.08
CA GLU A 52 -6.19 -2.11 13.33
C GLU A 52 -4.79 -2.47 13.75
N ASP A 53 -4.62 -3.41 14.73
CA ASP A 53 -3.39 -4.13 14.81
C ASP A 53 -3.64 -5.61 14.58
N ASN A 54 -4.22 -6.35 15.57
CA ASN A 54 -4.61 -7.70 15.23
C ASN A 54 -5.91 -7.69 14.47
N ILE A 55 -5.88 -8.09 13.16
CA ILE A 55 -7.12 -8.01 12.36
C ILE A 55 -8.17 -9.08 12.67
N ASN A 56 -7.82 -10.02 13.57
CA ASN A 56 -8.73 -11.07 13.96
C ASN A 56 -9.36 -10.81 15.39
N VAL A 57 -8.95 -9.73 16.06
CA VAL A 57 -9.37 -9.45 17.45
C VAL A 57 -9.80 -7.99 17.54
N VAL A 58 -10.99 -7.73 18.13
CA VAL A 58 -11.36 -6.35 18.40
C VAL A 58 -10.54 -5.85 19.61
N GLU A 59 -9.64 -4.92 19.40
CA GLU A 59 -8.77 -4.47 20.52
C GLU A 59 -9.18 -3.11 21.14
N GLY A 60 -10.08 -2.44 20.45
CA GLY A 60 -10.68 -1.26 21.00
C GLY A 60 -10.35 0.06 20.34
N ASN A 61 -9.48 0.07 19.33
CA ASN A 61 -9.14 1.33 18.62
C ASN A 61 -9.60 1.31 17.18
N GLU A 62 -10.34 0.29 16.80
CA GLU A 62 -10.78 0.19 15.36
C GLU A 62 -11.89 1.15 15.03
N GLN A 63 -11.94 1.59 13.76
CA GLN A 63 -13.13 2.15 13.13
C GLN A 63 -13.42 1.37 11.87
N PHE A 64 -14.65 0.90 11.68
CA PHE A 64 -15.04 0.13 10.52
C PHE A 64 -16.01 1.02 9.75
N ILE A 65 -15.67 1.36 8.51
CA ILE A 65 -16.51 2.31 7.69
C ILE A 65 -16.65 1.82 6.27
N SER A 66 -17.86 1.63 5.79
CA SER A 66 -18.10 1.16 4.45
C SER A 66 -17.68 2.23 3.40
N ALA A 67 -17.15 1.71 2.31
CA ALA A 67 -16.83 2.60 1.18
C ALA A 67 -18.17 2.98 0.52
N SER A 68 -18.19 4.29 0.19
CA SER A 68 -19.32 4.83 -0.61
C SER A 68 -19.01 4.87 -2.10
N LYS A 69 -17.73 4.97 -2.47
CA LYS A 69 -17.40 4.89 -3.90
C LYS A 69 -15.93 4.44 -3.98
N SER A 70 -15.66 3.83 -5.12
N SER A 70 -15.57 3.76 -5.04
CA SER A 70 -14.34 3.42 -5.52
CA SER A 70 -14.16 3.59 -5.31
C SER A 70 -14.03 4.12 -6.84
C SER A 70 -13.96 3.94 -6.75
N ILE A 71 -12.78 4.53 -6.98
CA ILE A 71 -12.39 5.15 -8.29
C ILE A 71 -11.07 4.57 -8.69
N VAL A 72 -11.14 3.68 -9.66
CA VAL A 72 -9.88 3.10 -10.31
C VAL A 72 -9.31 4.11 -11.28
N HIS A 73 -7.96 4.13 -11.35
CA HIS A 73 -7.35 5.09 -12.21
C HIS A 73 -7.81 4.88 -13.69
N PRO A 74 -8.00 6.00 -14.41
CA PRO A 74 -8.62 5.92 -15.76
C PRO A 74 -7.73 5.08 -16.70
N SER A 75 -6.42 5.09 -16.47
CA SER A 75 -5.47 4.32 -17.36
C SER A 75 -5.01 3.01 -16.72
N TYR A 76 -5.67 2.52 -15.68
CA TYR A 76 -5.23 1.27 -15.12
C TYR A 76 -5.38 0.16 -16.18
N ASN A 77 -4.28 -0.60 -16.37
CA ASN A 77 -4.23 -1.76 -17.30
C ASN A 77 -4.06 -3.01 -16.50
N SER A 78 -5.13 -3.80 -16.33
CA SER A 78 -4.96 -5.02 -15.57
C SER A 78 -4.04 -6.09 -16.12
N ASN A 79 -3.69 -6.01 -17.40
CA ASN A 79 -2.80 -6.92 -18.00
C ASN A 79 -1.42 -6.68 -17.48
N THR A 80 -1.02 -5.41 -17.37
CA THR A 80 0.39 -5.07 -17.07
C THR A 80 0.59 -4.45 -15.69
N LEU A 81 -0.55 -4.22 -15.04
CA LEU A 81 -0.58 -3.46 -13.77
C LEU A 81 -0.02 -2.07 -13.87
N ASN A 82 0.03 -1.49 -15.08
CA ASN A 82 0.38 -0.13 -15.16
C ASN A 82 -0.74 0.77 -14.59
N ASN A 83 -0.34 1.80 -13.83
CA ASN A 83 -1.30 2.66 -13.10
C ASN A 83 -2.20 1.94 -12.10
N ASP A 84 -1.49 1.17 -11.30
CA ASP A 84 -2.13 0.31 -10.28
C ASP A 84 -2.47 1.12 -8.98
N ILE A 85 -3.54 1.92 -9.12
CA ILE A 85 -3.90 2.88 -8.06
C ILE A 85 -5.37 3.06 -8.12
N MET A 86 -5.99 3.15 -6.94
N MET A 86 -5.95 3.22 -6.92
CA MET A 86 -7.42 3.51 -6.85
CA MET A 86 -7.42 3.36 -6.76
C MET A 86 -7.64 4.33 -5.59
C MET A 86 -7.72 4.21 -5.52
N LEU A 87 -8.76 5.03 -5.60
CA LEU A 87 -9.22 5.86 -4.44
C LEU A 87 -10.47 5.30 -3.93
N ILE A 88 -10.59 5.25 -2.60
CA ILE A 88 -11.86 4.78 -1.99
C ILE A 88 -12.34 5.87 -1.01
N LYS A 89 -13.59 6.25 -1.20
CA LYS A 89 -14.21 7.29 -0.29
C LYS A 89 -15.00 6.57 0.80
N LEU A 90 -14.82 7.04 2.00
CA LEU A 90 -15.56 6.44 3.17
C LEU A 90 -16.93 7.11 3.23
N LYS A 91 -17.91 6.31 3.62
CA LYS A 91 -19.33 6.78 3.81
C LYS A 91 -19.43 7.82 4.88
N SER A 92 -18.62 7.74 5.93
CA SER A 92 -18.53 8.81 6.95
C SER A 92 -17.08 9.06 7.26
N ALA A 93 -16.75 10.23 7.75
CA ALA A 93 -15.38 10.61 8.00
C ALA A 93 -14.85 9.82 9.18
N ALA A 94 -13.67 9.29 8.96
CA ALA A 94 -12.87 8.74 10.05
C ALA A 94 -12.65 9.79 11.12
N SER A 95 -12.68 9.28 12.35
N SER A 95 -12.66 9.31 12.35
CA SER A 95 -12.25 10.04 13.53
CA SER A 95 -12.36 10.17 13.48
C SER A 95 -10.76 10.02 13.63
C SER A 95 -10.89 10.11 13.73
N LEU A 96 -10.12 11.14 13.33
CA LEU A 96 -8.73 11.14 13.37
C LEU A 96 -8.18 11.22 14.78
N ASN A 97 -7.19 10.40 15.09
CA ASN A 97 -6.57 10.30 16.51
C ASN A 97 -5.16 9.78 16.44
N SER A 98 -4.49 9.54 17.56
CA SER A 98 -3.12 9.13 17.45
C SER A 98 -2.90 7.75 16.71
N ARG A 99 -3.99 6.98 16.72
CA ARG A 99 -4.01 5.63 16.16
C ARG A 99 -4.64 5.53 14.78
N VAL A 100 -5.30 6.60 14.33
CA VAL A 100 -5.99 6.63 13.04
C VAL A 100 -5.60 7.98 12.45
N ALA A 101 -4.65 7.98 11.52
CA ALA A 101 -4.02 9.24 11.12
C ALA A 101 -3.80 9.17 9.62
N SER A 102 -3.83 10.34 8.96
CA SER A 102 -3.53 10.31 7.54
C SER A 102 -2.06 10.47 7.27
N ILE A 103 -1.63 10.05 6.07
CA ILE A 103 -0.26 10.14 5.64
C ILE A 103 -0.22 11.13 4.47
N SER A 104 0.80 11.98 4.48
N SER A 104 0.79 11.97 4.46
CA SER A 104 0.84 12.99 3.43
CA SER A 104 0.84 13.02 3.46
C SER A 104 1.23 12.38 2.08
C SER A 104 1.26 12.47 2.09
N LEU A 105 0.68 13.08 1.05
CA LEU A 105 1.09 12.79 -0.32
C LEU A 105 2.45 13.42 -0.63
N PRO A 106 3.16 12.86 -1.57
CA PRO A 106 4.47 13.38 -1.95
C PRO A 106 4.28 14.74 -2.57
N THR A 107 5.23 15.64 -2.33
CA THR A 107 5.24 16.86 -3.07
C THR A 107 6.16 16.66 -4.27
N SER A 108 7.04 15.63 -4.38
CA SER A 108 7.99 15.16 -5.44
C SER A 108 8.36 13.70 -5.28
N CYS A 109 8.99 13.13 -6.29
CA CYS A 109 9.49 11.79 -6.27
C CYS A 109 10.71 11.55 -5.43
N ALA A 110 10.71 10.42 -4.77
CA ALA A 110 11.88 10.06 -3.94
C ALA A 110 12.99 9.48 -4.72
N SER A 111 14.25 9.67 -4.24
CA SER A 111 15.42 9.21 -4.89
C SER A 111 15.69 7.75 -4.62
N ALA A 112 16.51 7.02 -5.46
CA ALA A 112 17.06 5.74 -5.20
C ALA A 112 17.91 5.81 -3.94
N GLY A 113 17.90 4.71 -3.17
CA GLY A 113 18.53 4.71 -1.81
C GLY A 113 17.78 5.24 -0.65
N THR A 114 16.67 5.96 -0.85
CA THR A 114 15.90 6.51 0.29
C THR A 114 15.30 5.29 1.00
N GLN A 115 15.38 5.28 2.33
CA GLN A 115 14.82 4.18 3.11
C GLN A 115 13.35 4.36 3.30
N CYS A 116 12.58 3.28 3.11
CA CYS A 116 11.14 3.42 3.23
C CYS A 116 10.58 2.40 4.23
N LEU A 117 9.36 2.68 4.71
CA LEU A 117 8.68 1.68 5.59
C LEU A 117 7.54 1.06 4.80
N ILE A 118 7.58 -0.27 4.68
CA ILE A 118 6.53 -1.01 3.96
C ILE A 118 5.78 -1.86 5.01
N SER A 119 4.43 -1.89 4.93
CA SER A 119 3.69 -2.56 6.00
C SER A 119 2.46 -3.29 5.49
N GLY A 120 2.06 -4.34 6.26
CA GLY A 120 0.85 -5.13 5.85
C GLY A 120 0.68 -6.42 6.58
N TRP A 121 -0.47 -7.02 6.29
CA TRP A 121 -0.86 -8.32 6.82
C TRP A 121 -0.73 -9.44 5.88
N GLY A 122 0.15 -9.30 4.89
CA GLY A 122 0.33 -10.37 3.88
C GLY A 122 1.20 -11.54 4.42
N ASN A 123 1.32 -12.52 3.53
CA ASN A 123 2.10 -13.79 3.87
C ASN A 123 3.51 -13.37 4.37
N THR A 124 3.99 -14.10 5.37
CA THR A 124 5.32 -13.88 5.97
C THR A 124 6.33 -14.96 5.52
N LYS A 125 5.89 -15.91 4.69
CA LYS A 125 6.87 -16.95 4.15
C LYS A 125 7.26 -16.72 2.68
N SER A 126 8.55 -16.84 2.33
CA SER A 126 8.93 -16.78 0.91
C SER A 126 8.61 -18.11 0.20
N SER A 127 8.50 -19.21 0.95
CA SER A 127 8.01 -20.47 0.37
C SER A 127 6.97 -20.99 1.30
N GLY A 128 5.82 -21.35 0.76
CA GLY A 128 4.73 -21.79 1.60
C GLY A 128 3.93 -20.60 2.11
N THR A 129 3.07 -20.87 3.10
CA THR A 129 2.05 -19.90 3.50
C THR A 129 1.86 -19.73 5.03
N SER A 130 2.06 -18.52 5.50
CA SER A 130 1.66 -18.20 6.86
C SER A 130 1.25 -16.74 6.94
N TYR A 131 0.01 -16.49 7.37
CA TYR A 131 -0.49 -15.10 7.43
C TYR A 131 -0.54 -14.63 8.86
N PRO A 132 -0.07 -13.42 9.17
CA PRO A 132 0.02 -12.94 10.49
C PRO A 132 -1.33 -12.31 10.90
N ASP A 133 -1.51 -12.27 12.18
N ASP A 133 -1.52 -12.24 12.17
CA ASP A 133 -2.70 -11.57 12.67
CA ASP A 133 -2.73 -11.55 12.61
C ASP A 133 -2.39 -10.10 12.96
C ASP A 133 -2.40 -10.09 12.98
N VAL A 134 -1.16 -9.78 13.36
CA VAL A 134 -0.76 -8.43 13.72
C VAL A 134 0.02 -7.81 12.55
N LEU A 135 0.10 -6.47 12.55
CA LEU A 135 0.68 -5.80 11.38
C LEU A 135 2.23 -5.98 11.39
N LYS A 136 2.76 -6.29 10.18
CA LYS A 136 4.19 -6.51 9.99
C LYS A 136 4.75 -5.33 9.21
N CYS A 137 6.03 -5.02 9.51
CA CYS A 137 6.73 -3.83 8.98
C CYS A 137 8.03 -4.31 8.37
N LEU A 138 8.52 -3.58 7.34
CA LEU A 138 9.82 -3.80 6.74
C LEU A 138 10.42 -2.40 6.37
N LYS A 139 11.70 -2.22 6.71
CA LYS A 139 12.44 -1.03 6.21
C LYS A 139 13.20 -1.52 4.99
N ALA A 140 12.98 -0.82 3.85
CA ALA A 140 13.61 -1.22 2.58
C ALA A 140 13.91 0.07 1.72
N PRO A 141 15.06 0.07 1.08
CA PRO A 141 15.44 1.20 0.25
C PRO A 141 14.76 1.11 -1.13
N ILE A 142 14.57 2.27 -1.70
CA ILE A 142 14.21 2.34 -3.14
C ILE A 142 15.39 1.91 -3.96
N LEU A 143 15.18 1.06 -4.97
CA LEU A 143 16.25 0.58 -5.80
C LEU A 143 16.33 1.46 -7.02
N SER A 144 17.51 1.49 -7.64
CA SER A 144 17.62 2.16 -8.89
C SER A 144 16.74 1.62 -9.97
N ASP A 145 16.37 2.55 -10.84
CA ASP A 145 15.45 2.18 -11.94
C ASP A 145 16.14 1.14 -12.80
N SER A 146 17.47 1.23 -13.03
CA SER A 146 18.10 0.14 -13.80
C SER A 146 18.08 -1.23 -13.14
N SER A 147 18.29 -1.33 -11.83
N SER A 147 18.27 -1.30 -11.82
CA SER A 147 18.18 -2.65 -11.23
CA SER A 147 18.12 -2.57 -11.14
C SER A 147 16.74 -3.15 -11.24
C SER A 147 16.73 -3.13 -11.28
N CYS A 148 15.76 -2.24 -11.15
CA CYS A 148 14.38 -2.64 -11.21
C CYS A 148 14.04 -3.22 -12.59
N LYS A 149 14.40 -2.46 -13.62
CA LYS A 149 14.11 -2.89 -15.02
C LYS A 149 14.95 -4.10 -15.43
N SER A 150 16.17 -4.23 -14.94
N SER A 150 16.16 -4.22 -14.91
CA SER A 150 16.91 -5.49 -15.16
CA SER A 150 16.95 -5.43 -15.14
C SER A 150 16.16 -6.70 -14.59
C SER A 150 16.43 -6.67 -14.47
N ALA A 151 15.68 -6.54 -13.35
CA ALA A 151 15.05 -7.64 -12.66
C ALA A 151 13.78 -8.06 -13.42
N TYR A 152 13.03 -7.11 -14.06
CA TYR A 152 11.77 -7.45 -14.72
C TYR A 152 11.67 -6.91 -16.14
N PRO A 153 12.51 -7.46 -17.08
CA PRO A 153 12.69 -6.82 -18.38
C PRO A 153 11.37 -6.78 -19.10
N GLY A 154 11.10 -5.61 -19.67
CA GLY A 154 9.89 -5.42 -20.45
C GLY A 154 8.60 -5.18 -19.65
N GLN A 155 8.73 -5.07 -18.33
CA GLN A 155 7.50 -4.93 -17.47
C GLN A 155 7.40 -3.68 -16.62
N ILE A 156 8.49 -2.95 -16.46
CA ILE A 156 8.50 -1.80 -15.61
C ILE A 156 8.17 -0.57 -16.42
N THR A 157 7.16 0.18 -16.00
CA THR A 157 6.89 1.47 -16.60
C THR A 157 7.35 2.64 -15.74
N SER A 158 7.21 3.86 -16.24
CA SER A 158 7.57 5.00 -15.44
C SER A 158 6.65 5.20 -14.24
N ASN A 159 5.55 4.43 -14.19
CA ASN A 159 4.64 4.47 -13.06
C ASN A 159 4.90 3.37 -12.01
N MET A 160 6.07 2.75 -12.05
CA MET A 160 6.45 1.72 -11.11
C MET A 160 7.85 1.98 -10.57
N PHE A 161 8.11 1.53 -9.37
CA PHE A 161 9.51 1.47 -8.89
C PHE A 161 9.70 0.22 -8.05
N CYS A 162 10.96 -0.17 -7.90
CA CYS A 162 11.28 -1.34 -7.07
C CYS A 162 11.85 -0.86 -5.72
N ALA A 163 11.59 -1.70 -4.68
CA ALA A 163 12.19 -1.38 -3.35
C ALA A 163 12.45 -2.71 -2.75
N GLY A 164 13.51 -2.74 -1.89
CA GLY A 164 13.87 -4.02 -1.31
C GLY A 164 15.36 -4.30 -1.45
N TYR A 165 15.52 -5.74 -1.60
CA TYR A 165 16.94 -6.15 -1.46
C TYR A 165 17.11 -7.12 -2.56
N LEU A 166 18.15 -6.89 -3.39
CA LEU A 166 18.35 -7.83 -4.49
C LEU A 166 18.79 -9.24 -4.01
N GLU A 167 19.32 -9.27 -2.78
CA GLU A 167 19.76 -10.54 -2.21
C GLU A 167 18.58 -11.41 -1.73
N GLY A 168 17.37 -10.84 -1.73
CA GLY A 168 16.20 -11.57 -1.31
C GLY A 168 16.08 -11.50 0.21
N GLY A 169 15.14 -12.31 0.71
CA GLY A 169 14.95 -12.58 2.16
C GLY A 169 13.93 -11.65 2.78
N LYS A 170 13.82 -10.30 2.22
CA LYS A 170 12.99 -9.28 2.89
C LYS A 170 12.19 -8.62 1.75
N ASP A 171 10.84 -8.62 1.86
CA ASP A 171 10.01 -8.17 0.71
C ASP A 171 8.53 -8.06 1.18
N SER A 172 7.71 -7.40 0.39
CA SER A 172 6.24 -7.52 0.56
C SER A 172 5.78 -8.81 -0.04
N CYS A 173 4.53 -9.18 0.22
CA CYS A 173 4.04 -10.43 -0.36
C CYS A 173 2.46 -10.41 -0.48
N GLN A 174 1.88 -11.53 -0.88
CA GLN A 174 0.44 -11.60 -1.14
C GLN A 174 -0.30 -11.16 0.12
N GLY A 175 -1.34 -10.32 -0.11
CA GLY A 175 -2.11 -9.73 1.01
C GLY A 175 -1.59 -8.41 1.57
N ASP A 176 -0.38 -8.06 1.16
CA ASP A 176 0.16 -6.72 1.42
C ASP A 176 -0.30 -5.71 0.32
N SER A 177 -0.76 -6.25 -0.82
CA SER A 177 -1.11 -5.40 -1.98
C SER A 177 -1.99 -4.26 -1.57
N GLY A 178 -1.72 -3.11 -2.16
CA GLY A 178 -2.61 -1.93 -1.87
C GLY A 178 -2.06 -1.06 -0.72
N GLY A 179 -1.22 -1.70 0.13
CA GLY A 179 -0.72 -0.98 1.28
C GLY A 179 0.40 -0.04 1.00
N PRO A 180 0.89 0.60 2.06
CA PRO A 180 1.83 1.76 1.92
C PRO A 180 3.28 1.42 1.83
N VAL A 181 3.98 2.28 1.06
CA VAL A 181 5.48 2.40 1.11
C VAL A 181 5.67 3.88 1.43
N VAL A 182 6.16 4.16 2.64
CA VAL A 182 6.32 5.55 3.14
C VAL A 182 7.77 5.85 3.31
N CYS A 183 8.15 7.00 2.75
CA CYS A 183 9.58 7.39 2.71
C CYS A 183 9.62 8.85 3.05
N SER A 184 10.50 9.23 4.05
CA SER A 184 10.55 10.68 4.46
C SER A 184 9.19 11.22 4.74
N GLY A 185 8.39 10.43 5.42
CA GLY A 185 7.08 10.88 5.84
C GLY A 185 6.00 11.15 4.76
N LYS A 186 6.30 10.65 3.55
CA LYS A 186 5.34 10.74 2.44
C LYS A 186 4.98 9.31 1.88
N LEU A 187 3.72 9.25 1.38
CA LEU A 187 3.33 7.96 0.70
C LEU A 187 3.94 7.90 -0.69
N GLN A 188 5.06 7.23 -0.86
CA GLN A 188 5.69 7.18 -2.19
C GLN A 188 5.26 5.96 -2.98
N GLY A 189 4.84 4.87 -2.31
CA GLY A 189 4.53 3.68 -3.07
C GLY A 189 3.27 3.01 -2.60
N ILE A 190 2.69 2.19 -3.47
CA ILE A 190 1.56 1.30 -3.09
C ILE A 190 2.02 -0.08 -3.50
N VAL A 191 1.86 -1.08 -2.60
CA VAL A 191 2.31 -2.44 -2.87
C VAL A 191 1.53 -2.97 -4.09
N SER A 192 2.30 -3.34 -5.13
CA SER A 192 1.62 -3.69 -6.36
C SER A 192 1.84 -5.09 -6.84
N TRP A 193 3.10 -5.44 -7.15
CA TRP A 193 3.26 -6.87 -7.63
C TRP A 193 4.72 -7.28 -7.52
N GLY A 194 4.99 -8.52 -7.88
CA GLY A 194 6.40 -8.96 -8.02
C GLY A 194 6.37 -10.38 -8.54
N SER A 195 7.58 -10.96 -8.63
CA SER A 195 7.73 -12.38 -8.96
C SER A 195 8.02 -13.10 -7.69
N GLY A 196 6.98 -13.92 -7.16
CA GLY A 196 7.10 -14.42 -5.81
C GLY A 196 7.41 -13.35 -4.75
N CYS A 197 8.02 -13.78 -3.66
CA CYS A 197 8.31 -12.87 -2.54
C CYS A 197 9.70 -13.19 -2.01
N ALA A 198 10.51 -12.16 -1.86
CA ALA A 198 11.81 -12.28 -1.11
C ALA A 198 12.80 -13.18 -1.87
N GLN A 199 12.59 -13.43 -3.08
CA GLN A 199 13.61 -14.19 -3.93
C GLN A 199 14.71 -13.27 -4.41
N LYS A 200 15.89 -13.90 -4.62
CA LYS A 200 17.00 -13.15 -5.21
C LYS A 200 16.60 -12.48 -6.55
N ASN A 201 17.04 -11.24 -6.70
CA ASN A 201 16.92 -10.44 -7.95
C ASN A 201 15.47 -10.24 -8.36
N LYS A 202 14.55 -10.40 -7.38
CA LYS A 202 13.09 -10.16 -7.68
C LYS A 202 12.49 -9.30 -6.57
N PRO A 203 12.86 -8.03 -6.53
CA PRO A 203 12.34 -7.17 -5.47
C PRO A 203 10.83 -6.86 -5.74
N GLY A 204 10.23 -6.32 -4.72
CA GLY A 204 8.83 -5.88 -4.90
C GLY A 204 8.73 -4.70 -5.88
N VAL A 205 7.58 -4.62 -6.57
CA VAL A 205 7.25 -3.54 -7.50
C VAL A 205 6.07 -2.77 -6.89
N TYR A 206 6.23 -1.44 -6.96
CA TYR A 206 5.33 -0.53 -6.25
C TYR A 206 4.83 0.54 -7.18
N THR A 207 3.60 0.93 -7.02
CA THR A 207 3.05 2.02 -7.86
C THR A 207 3.72 3.32 -7.39
N LYS A 208 4.16 4.09 -8.39
CA LYS A 208 4.94 5.33 -8.09
C LYS A 208 3.93 6.46 -7.81
N VAL A 209 3.58 6.64 -6.54
CA VAL A 209 2.52 7.63 -6.16
C VAL A 209 2.83 9.06 -6.61
N CYS A 210 4.12 9.39 -6.59
CA CYS A 210 4.40 10.84 -6.92
C CYS A 210 3.93 11.20 -8.34
N ASN A 211 3.66 10.19 -9.21
CA ASN A 211 3.15 10.51 -10.55
C ASN A 211 1.66 10.81 -10.54
N TYR A 212 0.99 10.61 -9.43
CA TYR A 212 -0.48 10.65 -9.32
C TYR A 212 -1.01 11.71 -8.47
N VAL A 213 -0.16 12.55 -7.91
CA VAL A 213 -0.57 13.53 -6.94
C VAL A 213 -1.65 14.49 -7.50
N SER A 214 -1.45 15.00 -8.72
N SER A 214 -1.45 14.99 -8.72
N SER A 214 -1.43 14.98 -8.72
CA SER A 214 -2.42 15.85 -9.35
CA SER A 214 -2.41 15.84 -9.37
CA SER A 214 -2.40 15.84 -9.32
C SER A 214 -3.75 15.13 -9.53
C SER A 214 -3.75 15.13 -9.54
C SER A 214 -3.72 15.12 -9.49
N TRP A 215 -3.71 13.89 -10.01
CA TRP A 215 -4.92 13.12 -10.18
C TRP A 215 -5.64 12.82 -8.88
N ILE A 216 -4.86 12.48 -7.85
CA ILE A 216 -5.53 12.29 -6.55
C ILE A 216 -6.21 13.55 -6.04
N LYS A 217 -5.48 14.67 -6.03
CA LYS A 217 -6.06 15.90 -5.44
C LYS A 217 -7.24 16.36 -6.28
N GLN A 218 -7.16 16.23 -7.62
CA GLN A 218 -8.27 16.68 -8.44
C GLN A 218 -9.49 15.77 -8.30
N THR A 219 -9.23 14.45 -8.18
CA THR A 219 -10.30 13.50 -8.12
C THR A 219 -11.04 13.62 -6.76
N ILE A 220 -10.29 13.76 -5.67
N ILE A 220 -10.25 13.77 -5.70
CA ILE A 220 -11.01 13.90 -4.39
CA ILE A 220 -10.85 13.97 -4.39
C ILE A 220 -11.67 15.27 -4.27
C ILE A 220 -11.68 15.23 -4.37
N ALA A 221 -11.09 16.31 -4.87
CA ALA A 221 -11.81 17.64 -4.84
C ALA A 221 -13.14 17.56 -5.62
N SER A 222 -13.27 16.68 -6.61
CA SER A 222 -14.47 16.64 -7.43
C SER A 222 -15.43 15.51 -7.04
N ASN A 223 -15.17 14.84 -5.90
CA ASN A 223 -15.98 13.66 -5.53
C ASN A 223 -16.23 13.61 -4.05
CA CA B . -8.49 -5.60 15.54
CL CL C . 1.73 14.71 -10.57
S SO4 D . -2.21 -9.91 -4.24
O1 SO4 D . -1.55 -9.79 -5.52
O2 SO4 D . -2.77 -11.23 -4.06
O3 SO4 D . -3.29 -8.88 -4.35
O4 SO4 D . -1.36 -9.65 -3.10
S SO4 E . -0.02 1.12 -21.28
O1 SO4 E . -0.99 0.66 -22.28
O2 SO4 E . -0.67 0.94 -19.97
O3 SO4 E . 0.25 2.55 -21.38
O4 SO4 E . 1.30 0.50 -21.46
C1 EDO F . -12.41 -9.02 14.33
O1 EDO F . -12.82 -7.68 14.29
C2 EDO F . -12.41 -9.69 12.94
O2 EDO F . -13.63 -9.36 12.19
C1 EDO G . 9.58 6.74 -5.76
O1 EDO G . 9.13 8.11 -5.74
C2 EDO G . 10.65 6.36 -6.79
O2 EDO G . 11.25 7.59 -7.30
C1 EDO H . 18.71 4.73 -14.87
O1 EDO H . 17.44 5.43 -14.94
C2 EDO H . 19.41 4.76 -13.53
O2 EDO H . 19.04 3.61 -12.80
C1 EDO I . 1.49 -7.65 -14.93
O1 EDO I . 2.58 -7.90 -15.76
C2 EDO I . 1.81 -8.08 -13.54
O2 EDO I . 2.86 -7.13 -13.42
C1 EDO J . -11.30 -11.04 9.61
O1 EDO J . -12.44 -10.69 8.75
C2 EDO J . -9.87 -10.68 9.14
O2 EDO J . -9.49 -11.55 8.01
C11 91B K . 2.50 -8.21 -3.62
C10 91B K . 3.84 -7.96 -3.53
C12 91B K . 2.05 -9.39 -4.21
C8 91B K . 4.32 -10.01 -4.59
C9 91B K . 4.80 -8.82 -4.04
C7 91B K . 2.98 -10.30 -4.69
C3 91B K . 3.61 -12.43 -5.62
C5 91B K . 1.22 -12.00 -4.75
C2 91B K . 2.99 -13.58 -6.45
C6 91B K . 0.71 -12.99 -5.77
C15 91B K . 1.23 -15.24 -6.64
C13 91B K . 6.26 -8.42 -3.90
N4 91B K . 2.51 -11.49 -5.30
N1 91B K . 1.72 -14.07 -5.89
N14 91B K . 7.09 -9.58 -3.55
#